data_7ZTL
#
_entry.id   7ZTL
#
_cell.length_a   86.614
_cell.length_b   86.614
_cell.length_c   91.789
_cell.angle_alpha   90.000
_cell.angle_beta   90.000
_cell.angle_gamma   120.000
#
_symmetry.space_group_name_H-M   'P 32 2 1'
#
loop_
_entity.id
_entity.type
_entity.pdbx_description
1 polymer 'Aurora kinase A'
2 polymer 'N-myc proto-oncogene protein'
3 non-polymer "ADENOSINE-5'-DIPHOSPHATE"
4 non-polymer 'MAGNESIUM ION'
5 non-polymer GLYCEROL
6 non-polymer BICINE
7 non-polymer 'SODIUM ION'
8 non-polymer '4-(3-hydroxy-3-oxopropylamino)-4-oxidanylidene-butanoic acid'
9 water water
#
loop_
_entity_poly.entity_id
_entity_poly.type
_entity_poly.pdbx_seq_one_letter_code
_entity_poly.pdbx_strand_id
1 'polypeptide(L)'
;MKHHHHHHPMSDYDIPTTENLYFQGAMESKKRQWALEDFEIGRPLGKGKFGNVYLAREKQSKFILALKVLFKAQLEKAGV
EHQLRREVEIQSHLRHPNILRLYGYFHDATRVYLILEYAPLGTVYRELQKLSKFDEQRTATYITELANALSYCHSKRVIH
RDIKPENLLLGSAGELKIADFGWSVHAPSSRRT(TPO)LAGTLDYLPPEMIEGRMHDEKVDLWSLGVLCYEFLVGKPPFE
ANTYQETYCRISRVEFTFPDFVTEGARDLISRLLKHNPSQRPMLREVLEHPWITANSSKPSNAQNKESASKQS
;
A
2 'polypeptide(L)' FYPDEDDFYFGGPDSTPPGEDIWKKFELLPTPPLSPSRGFAEHSSEPPSWVTEMLLEKELWG B
#
loop_
_chem_comp.id
_chem_comp.type
_chem_comp.name
_chem_comp.formula
ADP non-polymer ADENOSINE-5'-DIPHOSPHATE 'C10 H15 N5 O10 P2'
BCN non-polymer BICINE 'C6 H13 N O4'
GOL non-polymer GLYCEROL 'C3 H8 O3'
JWG non-polymer '4-(3-hydroxy-3-oxopropylamino)-4-oxidanylidene-butanoic acid' 'C7 H11 N O5'
MG non-polymer 'MAGNESIUM ION' 'Mg 2'
NA non-polymer 'SODIUM ION' 'Na 1'
#
# COMPACT_ATOMS: atom_id res chain seq x y z
N ARG A 32 -14.43 -24.69 -2.11
CA ARG A 32 -14.44 -25.54 -0.91
C ARG A 32 -13.01 -25.73 -0.39
N GLN A 33 -12.43 -26.89 -0.67
CA GLN A 33 -11.01 -27.16 -0.43
C GLN A 33 -10.28 -27.01 -1.76
N TRP A 34 -9.83 -25.79 -2.05
CA TRP A 34 -9.22 -25.47 -3.34
C TRP A 34 -7.93 -26.26 -3.55
N ALA A 35 -7.58 -26.46 -4.83
CA ALA A 35 -6.31 -27.05 -5.22
C ALA A 35 -5.95 -26.52 -6.59
N LEU A 36 -4.68 -26.67 -6.97
CA LEU A 36 -4.21 -26.09 -8.23
C LEU A 36 -5.01 -26.60 -9.42
N GLU A 37 -5.48 -27.85 -9.36
CA GLU A 37 -6.24 -28.47 -10.43
C GLU A 37 -7.59 -27.81 -10.67
N ASP A 38 -8.01 -26.91 -9.80
CA ASP A 38 -9.30 -26.23 -9.98
C ASP A 38 -9.20 -25.00 -10.86
N PHE A 39 -7.99 -24.65 -11.32
CA PHE A 39 -7.73 -23.41 -12.04
C PHE A 39 -6.99 -23.70 -13.34
N GLU A 40 -7.43 -23.02 -14.40
CA GLU A 40 -6.61 -22.81 -15.59
C GLU A 40 -5.68 -21.65 -15.32
N ILE A 41 -4.44 -21.74 -15.81
CA ILE A 41 -3.42 -20.74 -15.55
C ILE A 41 -3.11 -19.99 -16.85
N GLY A 42 -2.90 -18.67 -16.74
CA GLY A 42 -2.42 -17.88 -17.85
C GLY A 42 -1.14 -17.11 -17.53
N ARG A 43 -0.93 -15.97 -18.19
CA ARG A 43 0.34 -15.26 -18.14
C ARG A 43 0.61 -14.66 -16.75
N PRO A 44 1.87 -14.39 -16.43
CA PRO A 44 2.16 -13.63 -15.20
C PRO A 44 1.59 -12.23 -15.30
N LEU A 45 0.93 -11.78 -14.23
CA LEU A 45 0.44 -10.41 -14.13
C LEU A 45 1.45 -9.46 -13.49
N GLY A 46 2.28 -9.96 -12.60
CA GLY A 46 3.31 -9.12 -12.02
C GLY A 46 4.21 -9.99 -11.17
N LYS A 47 5.25 -9.37 -10.64
CA LYS A 47 6.27 -10.10 -9.90
C LYS A 47 6.22 -9.67 -8.45
N GLY A 48 6.02 -10.63 -7.55
CA GLY A 48 6.10 -10.39 -6.12
C GLY A 48 7.46 -10.75 -5.57
N LYS A 49 7.63 -10.45 -4.27
CA LYS A 49 8.86 -10.80 -3.57
C LYS A 49 9.10 -12.31 -3.55
N PHE A 50 8.06 -13.11 -3.30
CA PHE A 50 8.20 -14.54 -3.07
C PHE A 50 7.65 -15.39 -4.21
N GLY A 51 7.28 -14.78 -5.32
CA GLY A 51 6.78 -15.51 -6.46
C GLY A 51 5.94 -14.59 -7.33
N ASN A 52 5.54 -15.11 -8.48
CA ASN A 52 4.76 -14.26 -9.38
C ASN A 52 3.28 -14.31 -9.04
N VAL A 53 2.54 -13.37 -9.61
CA VAL A 53 1.08 -13.37 -9.59
C VAL A 53 0.62 -13.69 -11.01
N TYR A 54 -0.21 -14.72 -11.15
CA TYR A 54 -0.65 -15.23 -12.45
C TYR A 54 -2.13 -14.98 -12.70
N LEU A 55 -2.45 -14.71 -13.96
CA LEU A 55 -3.84 -14.77 -14.40
C LEU A 55 -4.34 -16.20 -14.26
N ALA A 56 -5.56 -16.37 -13.75
CA ALA A 56 -6.11 -17.69 -13.55
C ALA A 56 -7.60 -17.69 -13.85
N ARG A 57 -8.14 -18.89 -14.02
CA ARG A 57 -9.56 -19.06 -14.27
C ARG A 57 -10.04 -20.27 -13.49
N GLU A 58 -11.00 -20.07 -12.60
CA GLU A 58 -11.63 -21.21 -11.95
C GLU A 58 -12.41 -22.01 -12.98
N LYS A 59 -12.17 -23.32 -13.01
CA LYS A 59 -12.63 -24.13 -14.14
C LYS A 59 -14.15 -24.24 -14.21
N GLN A 60 -14.81 -24.48 -13.08
CA GLN A 60 -16.24 -24.76 -13.13
C GLN A 60 -17.03 -23.52 -13.54
N SER A 61 -16.68 -22.36 -12.99
CA SER A 61 -17.39 -21.12 -13.25
C SER A 61 -16.85 -20.36 -14.47
N LYS A 62 -15.61 -20.65 -14.89
CA LYS A 62 -14.88 -19.89 -15.90
C LYS A 62 -14.54 -18.49 -15.42
N PHE A 63 -14.60 -18.23 -14.11
CA PHE A 63 -14.43 -16.88 -13.61
C PHE A 63 -12.95 -16.54 -13.57
N ILE A 64 -12.58 -15.35 -14.07
CA ILE A 64 -11.17 -14.93 -14.15
C ILE A 64 -10.72 -14.37 -12.80
N LEU A 65 -9.56 -14.81 -12.35
CA LEU A 65 -8.98 -14.44 -11.05
C LEU A 65 -7.49 -14.23 -11.19
N ALA A 66 -6.84 -13.94 -10.05
CA ALA A 66 -5.39 -13.90 -9.95
C ALA A 66 -4.94 -14.90 -8.90
N LEU A 67 -3.85 -15.62 -9.17
CA LEU A 67 -3.26 -16.55 -8.21
C LEU A 67 -1.92 -15.97 -7.80
N LYS A 68 -1.80 -15.59 -6.54
CA LYS A 68 -0.53 -15.08 -6.01
C LYS A 68 0.26 -16.25 -5.42
N VAL A 69 1.46 -16.47 -5.95
CA VAL A 69 2.29 -17.60 -5.58
C VAL A 69 3.38 -17.15 -4.62
N LEU A 70 3.58 -17.90 -3.54
CA LEU A 70 4.70 -17.66 -2.62
C LEU A 70 5.45 -18.96 -2.40
N PHE A 71 6.76 -18.94 -2.63
CA PHE A 71 7.57 -20.13 -2.47
C PHE A 71 7.88 -20.37 -0.99
N LYS A 72 7.53 -21.56 -0.51
CA LYS A 72 7.63 -21.87 0.91
C LYS A 72 9.05 -21.73 1.44
N ALA A 73 10.04 -22.16 0.65
CA ALA A 73 11.43 -22.11 1.10
C ALA A 73 11.90 -20.66 1.22
N GLN A 74 11.52 -19.81 0.25
CA GLN A 74 11.76 -18.37 0.34
C GLN A 74 11.17 -17.77 1.59
N LEU A 75 9.86 -18.00 1.81
CA LEU A 75 9.19 -17.49 3.00
C LEU A 75 9.93 -17.88 4.26
N GLU A 76 10.25 -19.17 4.39
CA GLU A 76 10.86 -19.67 5.61
C GLU A 76 12.25 -19.08 5.80
N LYS A 77 13.01 -18.96 4.70
CA LYS A 77 14.34 -18.37 4.79
C LYS A 77 14.27 -16.92 5.26
N ALA A 78 13.32 -16.16 4.71
CA ALA A 78 13.15 -14.77 5.10
C ALA A 78 12.51 -14.62 6.47
N GLY A 79 11.91 -15.68 7.00
CA GLY A 79 11.24 -15.62 8.30
C GLY A 79 10.06 -14.67 8.36
N VAL A 80 9.27 -14.59 7.29
CA VAL A 80 8.15 -13.65 7.27
C VAL A 80 6.82 -14.40 7.16
N GLU A 81 6.78 -15.62 7.69
CA GLU A 81 5.53 -16.38 7.64
C GLU A 81 4.38 -15.62 8.28
N HIS A 82 4.65 -14.85 9.32
CA HIS A 82 3.60 -14.12 10.01
C HIS A 82 2.97 -13.06 9.13
N GLN A 83 3.71 -12.52 8.15
CA GLN A 83 3.12 -11.53 7.25
C GLN A 83 2.10 -12.18 6.36
N LEU A 84 2.40 -13.38 5.88
CA LEU A 84 1.44 -14.09 5.05
C LEU A 84 0.21 -14.47 5.85
N ARG A 85 0.39 -14.92 7.10
CA ARG A 85 -0.75 -15.26 7.95
C ARG A 85 -1.65 -14.05 8.18
N ARG A 86 -1.04 -12.89 8.49
CA ARG A 86 -1.81 -11.66 8.65
C ARG A 86 -2.51 -11.29 7.37
N GLU A 87 -1.80 -11.33 6.24
CA GLU A 87 -2.40 -11.01 4.96
C GLU A 87 -3.66 -11.84 4.74
N VAL A 88 -3.58 -13.15 4.99
CA VAL A 88 -4.72 -14.01 4.76
C VAL A 88 -5.81 -13.74 5.79
N GLU A 89 -5.42 -13.66 7.05
CA GLU A 89 -6.41 -13.53 8.12
C GLU A 89 -7.14 -12.21 8.01
N ILE A 90 -6.47 -11.16 7.60
CA ILE A 90 -7.09 -9.84 7.58
C ILE A 90 -7.85 -9.60 6.28
N GLN A 91 -7.20 -9.83 5.14
CA GLN A 91 -7.81 -9.47 3.86
C GLN A 91 -9.01 -10.35 3.56
N SER A 92 -9.02 -11.59 4.08
CA SER A 92 -10.16 -12.49 3.87
C SER A 92 -11.48 -11.88 4.33
N HIS A 93 -11.46 -11.11 5.42
CA HIS A 93 -12.69 -10.63 6.03
C HIS A 93 -13.08 -9.22 5.63
N LEU A 94 -12.27 -8.54 4.82
CA LEU A 94 -12.61 -7.21 4.34
C LEU A 94 -13.49 -7.30 3.11
N ARG A 95 -14.55 -6.50 3.08
CA ARG A 95 -15.46 -6.43 1.93
C ARG A 95 -15.77 -4.97 1.66
N HIS A 96 -15.10 -4.41 0.66
CA HIS A 96 -15.27 -3.02 0.27
C HIS A 96 -14.89 -2.88 -1.19
N PRO A 97 -15.60 -2.05 -1.95
CA PRO A 97 -15.33 -1.96 -3.39
C PRO A 97 -13.95 -1.48 -3.73
N ASN A 98 -13.29 -0.76 -2.82
CA ASN A 98 -11.95 -0.25 -3.05
C ASN A 98 -10.90 -1.05 -2.31
N ILE A 99 -11.21 -2.28 -1.90
CA ILE A 99 -10.23 -3.19 -1.33
C ILE A 99 -10.26 -4.48 -2.15
N LEU A 100 -9.09 -4.94 -2.56
CA LEU A 100 -9.02 -6.14 -3.37
C LEU A 100 -9.45 -7.36 -2.54
N ARG A 101 -10.30 -8.19 -3.11
CA ARG A 101 -10.84 -9.33 -2.39
C ARG A 101 -9.85 -10.49 -2.41
N LEU A 102 -9.73 -11.17 -1.27
CA LEU A 102 -8.99 -12.42 -1.17
CA LEU A 102 -8.99 -12.43 -1.17
C LEU A 102 -10.02 -13.52 -0.95
N TYR A 103 -10.17 -14.41 -1.94
CA TYR A 103 -11.24 -15.40 -1.89
C TYR A 103 -10.87 -16.67 -1.16
N GLY A 104 -9.58 -17.02 -1.11
CA GLY A 104 -9.21 -18.31 -0.55
C GLY A 104 -7.72 -18.54 -0.72
N TYR A 105 -7.29 -19.75 -0.33
CA TYR A 105 -5.87 -20.06 -0.35
C TYR A 105 -5.72 -21.57 -0.31
N PHE A 106 -4.53 -22.03 -0.72
CA PHE A 106 -4.17 -23.45 -0.65
C PHE A 106 -2.66 -23.53 -0.78
N HIS A 107 -2.12 -24.75 -0.64
CA HIS A 107 -0.68 -24.88 -0.75
C HIS A 107 -0.35 -26.29 -1.24
N ASP A 108 0.81 -26.41 -1.89
CA ASP A 108 1.32 -27.73 -2.21
C ASP A 108 2.70 -27.94 -1.56
N ALA A 109 3.48 -28.88 -2.11
CA ALA A 109 4.75 -29.23 -1.48
C ALA A 109 5.68 -28.04 -1.38
N THR A 110 5.63 -27.12 -2.35
CA THR A 110 6.63 -26.06 -2.45
C THR A 110 6.06 -24.65 -2.44
N ARG A 111 4.76 -24.48 -2.64
CA ARG A 111 4.20 -23.14 -2.78
C ARG A 111 2.93 -22.97 -1.96
N VAL A 112 2.67 -21.71 -1.58
CA VAL A 112 1.38 -21.26 -1.07
C VAL A 112 0.72 -20.47 -2.19
N TYR A 113 -0.59 -20.62 -2.35
CA TYR A 113 -1.34 -19.86 -3.35
C TYR A 113 -2.45 -19.05 -2.69
N LEU A 114 -2.51 -17.76 -2.99
CA LEU A 114 -3.64 -16.90 -2.61
C LEU A 114 -4.52 -16.64 -3.82
N ILE A 115 -5.82 -16.88 -3.68
CA ILE A 115 -6.80 -16.68 -4.74
C ILE A 115 -7.35 -15.27 -4.59
N LEU A 116 -7.04 -14.38 -5.55
CA LEU A 116 -7.37 -12.97 -5.45
C LEU A 116 -8.33 -12.54 -6.55
N GLU A 117 -9.11 -11.50 -6.25
CA GLU A 117 -9.80 -10.74 -7.29
C GLU A 117 -8.79 -10.25 -8.32
N TYR A 118 -9.10 -10.48 -9.60
CA TYR A 118 -8.28 -9.93 -10.68
C TYR A 118 -8.55 -8.44 -10.85
N ALA A 119 -7.48 -7.66 -10.95
CA ALA A 119 -7.56 -6.22 -11.23
C ALA A 119 -7.08 -5.98 -12.65
N PRO A 120 -7.98 -5.83 -13.63
CA PRO A 120 -7.56 -5.86 -15.04
C PRO A 120 -6.70 -4.70 -15.46
N LEU A 121 -6.81 -3.55 -14.83
CA LEU A 121 -6.09 -2.37 -15.32
C LEU A 121 -4.74 -2.18 -14.65
N GLY A 122 -4.25 -3.17 -13.91
CA GLY A 122 -2.90 -3.11 -13.41
C GLY A 122 -2.73 -2.17 -12.23
N THR A 123 -1.46 -1.82 -11.96
CA THR A 123 -1.11 -0.99 -10.82
C THR A 123 -1.18 0.50 -11.14
N VAL A 124 -1.43 1.29 -10.07
CA VAL A 124 -1.25 2.73 -10.19
C VAL A 124 0.21 3.04 -10.49
N TYR A 125 1.13 2.20 -9.97
CA TYR A 125 2.55 2.37 -10.23
C TYR A 125 2.82 2.43 -11.73
N ARG A 126 2.26 1.49 -12.49
CA ARG A 126 2.45 1.51 -13.95
C ARG A 126 1.78 2.71 -14.61
N GLU A 127 0.56 3.04 -14.19
CA GLU A 127 -0.11 4.23 -14.71
C GLU A 127 0.73 5.48 -14.49
N LEU A 128 1.32 5.62 -13.30
CA LEU A 128 2.15 6.79 -13.00
C LEU A 128 3.37 6.82 -13.89
N GLN A 129 3.99 5.66 -14.11
CA GLN A 129 5.13 5.58 -15.02
C GLN A 129 4.74 6.04 -16.42
N LYS A 130 3.54 5.64 -16.85
CA LYS A 130 3.07 5.93 -18.20
C LYS A 130 2.72 7.41 -18.39
N LEU A 131 2.05 8.01 -17.40
CA LEU A 131 1.58 9.38 -17.50
C LEU A 131 2.54 10.40 -16.91
N SER A 132 3.53 9.96 -16.12
CA SER A 132 4.51 10.79 -15.41
C SER A 132 3.90 11.44 -14.18
N LYS A 133 2.77 12.14 -14.34
CA LYS A 133 2.03 12.61 -13.18
C LYS A 133 0.56 12.66 -13.56
N PHE A 134 -0.30 12.76 -12.55
CA PHE A 134 -1.74 12.76 -12.71
C PHE A 134 -2.27 14.18 -12.57
N ASP A 135 -3.33 14.51 -13.31
CA ASP A 135 -3.93 15.83 -13.10
C ASP A 135 -4.73 15.82 -11.79
N GLU A 136 -5.31 16.97 -11.47
CA GLU A 136 -5.93 17.13 -10.15
C GLU A 136 -7.19 16.28 -10.01
N GLN A 137 -7.95 16.12 -11.09
CA GLN A 137 -9.17 15.31 -11.03
C GLN A 137 -8.83 13.85 -10.78
N ARG A 138 -7.87 13.31 -11.53
CA ARG A 138 -7.48 11.93 -11.32
C ARG A 138 -6.90 11.71 -9.92
N THR A 139 -6.04 12.62 -9.46
CA THR A 139 -5.45 12.49 -8.12
C THR A 139 -6.53 12.53 -7.05
N ALA A 140 -7.40 13.55 -7.09
CA ALA A 140 -8.41 13.67 -6.04
C ALA A 140 -9.36 12.48 -6.03
N THR A 141 -9.64 11.91 -7.21
CA THR A 141 -10.52 10.73 -7.25
C THR A 141 -9.85 9.52 -6.59
N TYR A 142 -8.58 9.28 -6.89
CA TYR A 142 -7.84 8.20 -6.23
C TYR A 142 -7.79 8.43 -4.73
N ILE A 143 -7.50 9.66 -4.30
CA ILE A 143 -7.42 9.93 -2.88
C ILE A 143 -8.76 9.67 -2.21
N THR A 144 -9.86 10.07 -2.86
CA THR A 144 -11.19 9.77 -2.33
C THR A 144 -11.38 8.27 -2.15
N GLU A 145 -11.03 7.49 -3.18
CA GLU A 145 -11.21 6.04 -3.11
C GLU A 145 -10.30 5.43 -2.06
N LEU A 146 -9.05 5.88 -2.00
CA LEU A 146 -8.14 5.44 -0.95
C LEU A 146 -8.70 5.76 0.43
N ALA A 147 -9.24 6.97 0.61
CA ALA A 147 -9.72 7.36 1.94
C ALA A 147 -10.98 6.59 2.30
N ASN A 148 -11.84 6.29 1.32
CA ASN A 148 -12.98 5.43 1.57
C ASN A 148 -12.51 4.06 2.03
N ALA A 149 -11.55 3.47 1.30
CA ALA A 149 -11.04 2.15 1.64
C ALA A 149 -10.37 2.15 3.02
N LEU A 150 -9.53 3.17 3.30
CA LEU A 150 -8.87 3.23 4.60
C LEU A 150 -9.86 3.48 5.73
N SER A 151 -10.93 4.23 5.47
CA SER A 151 -11.96 4.43 6.47
C SER A 151 -12.55 3.10 6.90
N TYR A 152 -12.82 2.23 5.91
CA TYR A 152 -13.37 0.91 6.22
C TYR A 152 -12.36 0.09 7.01
N CYS A 153 -11.11 0.05 6.56
CA CYS A 153 -10.06 -0.64 7.30
C CYS A 153 -9.99 -0.15 8.74
N HIS A 154 -9.88 1.17 8.92
CA HIS A 154 -9.67 1.67 10.28
C HIS A 154 -10.88 1.42 11.16
N SER A 155 -12.08 1.32 10.56
CA SER A 155 -13.27 0.97 11.35
C SER A 155 -13.19 -0.46 11.87
N LYS A 156 -12.51 -1.34 11.13
CA LYS A 156 -12.16 -2.66 11.62
C LYS A 156 -10.88 -2.66 12.44
N ARG A 157 -10.31 -1.47 12.70
CA ARG A 157 -9.05 -1.31 13.44
CA ARG A 157 -9.05 -1.32 13.43
C ARG A 157 -7.90 -2.05 12.75
N VAL A 158 -7.95 -2.12 11.44
CA VAL A 158 -6.85 -2.64 10.65
C VAL A 158 -6.03 -1.47 10.15
N ILE A 159 -4.70 -1.59 10.20
CA ILE A 159 -3.76 -0.64 9.63
C ILE A 159 -3.05 -1.32 8.47
N HIS A 160 -2.98 -0.65 7.31
CA HIS A 160 -2.38 -1.31 6.14
C HIS A 160 -0.85 -1.21 6.16
N ARG A 161 -0.33 0.00 6.29
CA ARG A 161 1.09 0.32 6.51
C ARG A 161 1.96 0.18 5.26
N ASP A 162 1.41 -0.15 4.09
CA ASP A 162 2.24 -0.26 2.90
C ASP A 162 1.43 0.13 1.66
N ILE A 163 0.81 1.33 1.62
N ILE A 163 0.64 1.19 1.78
CA ILE A 163 -0.10 1.65 0.51
CA ILE A 163 0.03 1.75 0.59
C ILE A 163 0.55 2.33 -0.72
C ILE A 163 1.17 2.47 -0.10
N LYS A 164 1.69 1.85 -1.14
CA LYS A 164 2.49 2.48 -2.17
C LYS A 164 1.90 2.11 -3.53
N PRO A 165 2.28 2.82 -4.59
CA PRO A 165 1.56 2.62 -5.87
C PRO A 165 1.61 1.18 -6.41
N GLU A 166 2.64 0.39 -6.13
CA GLU A 166 2.66 -0.98 -6.67
C GLU A 166 1.71 -1.91 -5.93
N ASN A 167 1.09 -1.45 -4.83
CA ASN A 167 0.08 -2.19 -4.10
C ASN A 167 -1.31 -1.59 -4.30
N LEU A 168 -1.46 -0.64 -5.21
CA LEU A 168 -2.76 -0.08 -5.54
C LEU A 168 -3.10 -0.53 -6.94
N LEU A 169 -4.15 -1.35 -7.07
CA LEU A 169 -4.55 -1.93 -8.34
C LEU A 169 -5.80 -1.22 -8.87
N LEU A 170 -6.09 -1.45 -10.16
CA LEU A 170 -7.18 -0.76 -10.84
C LEU A 170 -8.16 -1.77 -11.39
N GLY A 171 -9.44 -1.60 -11.04
CA GLY A 171 -10.49 -2.46 -11.55
C GLY A 171 -10.91 -2.08 -12.96
N SER A 172 -11.91 -2.80 -13.47
CA SER A 172 -12.28 -2.68 -14.87
C SER A 172 -12.80 -1.30 -15.19
N ALA A 173 -13.34 -0.58 -14.20
CA ALA A 173 -13.81 0.78 -14.42
C ALA A 173 -12.78 1.80 -13.98
N GLY A 174 -11.52 1.39 -13.81
CA GLY A 174 -10.45 2.28 -13.42
C GLY A 174 -10.45 2.65 -11.97
N GLU A 175 -11.23 1.96 -11.15
CA GLU A 175 -11.39 2.29 -9.74
C GLU A 175 -10.25 1.68 -8.94
N LEU A 176 -9.76 2.43 -7.96
CA LEU A 176 -8.62 2.01 -7.17
C LEU A 176 -9.01 0.94 -6.15
N LYS A 177 -8.13 -0.04 -5.98
CA LYS A 177 -8.31 -1.12 -5.03
C LYS A 177 -7.02 -1.31 -4.25
N ILE A 178 -7.10 -1.18 -2.92
CA ILE A 178 -5.94 -1.44 -2.06
C ILE A 178 -5.68 -2.95 -1.99
N ALA A 179 -4.42 -3.34 -2.19
CA ALA A 179 -4.05 -4.75 -2.22
C ALA A 179 -2.83 -4.99 -1.32
N ASP A 180 -2.41 -6.26 -1.25
CA ASP A 180 -1.16 -6.66 -0.58
C ASP A 180 -1.16 -6.28 0.91
N PHE A 181 -1.90 -7.03 1.72
CA PHE A 181 -1.99 -6.77 3.15
C PHE A 181 -0.89 -7.49 3.96
N GLY A 182 0.24 -7.85 3.34
CA GLY A 182 1.30 -8.52 4.08
C GLY A 182 1.97 -7.69 5.17
N TRP A 183 1.89 -6.36 5.12
CA TRP A 183 2.41 -5.51 6.19
C TRP A 183 1.33 -5.04 7.15
N SER A 184 0.08 -5.46 6.94
CA SER A 184 -1.02 -4.95 7.74
C SER A 184 -1.02 -5.59 9.13
N VAL A 185 -1.84 -5.01 10.00
CA VAL A 185 -1.97 -5.50 11.36
C VAL A 185 -3.37 -5.15 11.85
N HIS A 186 -3.89 -5.98 12.72
CA HIS A 186 -5.13 -5.72 13.42
C HIS A 186 -4.73 -5.20 14.79
N ALA A 187 -4.96 -3.91 15.01
CA ALA A 187 -4.46 -3.19 16.17
C ALA A 187 -5.65 -2.67 16.98
N PRO A 188 -6.37 -3.56 17.67
CA PRO A 188 -7.65 -3.14 18.27
C PRO A 188 -7.49 -2.15 19.40
N SER A 189 -6.54 -2.37 20.29
CA SER A 189 -6.28 -1.43 21.38
C SER A 189 -4.84 -0.94 21.37
N SER A 190 -3.87 -1.85 21.43
CA SER A 190 -2.48 -1.45 21.61
C SER A 190 -1.94 -0.72 20.38
N ARG A 191 -0.96 0.14 20.63
CA ARG A 191 -0.15 0.70 19.56
C ARG A 191 0.91 -0.31 19.15
N ARG A 192 1.32 -0.22 17.88
CA ARG A 192 2.23 -1.17 17.26
C ARG A 192 3.66 -0.65 17.36
N THR A 193 4.62 -1.58 17.32
CA THR A 193 6.03 -1.17 17.21
C THR A 193 6.84 -1.83 16.07
N TPO A 194 6.20 -2.65 15.23
CA TPO A 194 6.91 -3.31 14.12
CB TPO A 194 5.98 -4.31 13.40
CG2 TPO A 194 6.76 -5.10 12.34
OG1 TPO A 194 5.48 -5.27 14.33
P TPO A 194 3.88 -5.46 14.27
O1P TPO A 194 3.49 -6.58 15.34
O2P TPO A 194 3.50 -5.92 12.91
O3P TPO A 194 3.06 -4.12 14.65
C TPO A 194 7.51 -2.34 13.10
O TPO A 194 6.85 -1.37 12.69
N LEU A 195 8.78 -2.57 12.74
CA LEU A 195 9.40 -1.95 11.57
C LEU A 195 8.82 -2.57 10.32
N ALA A 196 8.14 -1.77 9.50
CA ALA A 196 7.37 -2.31 8.40
C ALA A 196 7.55 -1.45 7.15
N GLY A 197 6.91 -1.89 6.06
CA GLY A 197 6.65 -1.04 4.92
C GLY A 197 7.86 -0.63 4.10
N THR A 198 7.67 0.47 3.39
CA THR A 198 8.56 0.96 2.35
C THR A 198 8.93 2.40 2.66
N LEU A 199 10.24 2.67 2.70
CA LEU A 199 10.75 3.89 3.35
C LEU A 199 10.06 5.15 2.84
N ASP A 200 9.96 5.31 1.51
CA ASP A 200 9.46 6.58 0.96
C ASP A 200 8.06 6.93 1.46
N TYR A 201 7.29 5.92 1.89
CA TYR A 201 5.89 6.10 2.30
C TYR A 201 5.69 6.11 3.81
N LEU A 202 6.79 5.96 4.61
CA LEU A 202 6.62 5.79 6.05
C LEU A 202 6.72 7.11 6.79
N PRO A 203 5.96 7.26 7.89
CA PRO A 203 6.06 8.48 8.73
C PRO A 203 7.24 8.39 9.70
N PRO A 204 7.63 9.52 10.30
CA PRO A 204 8.72 9.49 11.29
C PRO A 204 8.58 8.45 12.38
N GLU A 205 7.37 8.26 12.92
CA GLU A 205 7.25 7.36 14.08
C GLU A 205 7.55 5.92 13.70
N MET A 206 7.26 5.54 12.45
N MET A 206 7.31 5.54 12.43
CA MET A 206 7.58 4.20 12.00
CA MET A 206 7.55 4.17 11.97
C MET A 206 9.09 4.05 11.84
C MET A 206 9.02 3.92 11.59
N ILE A 207 9.71 4.92 11.02
CA ILE A 207 11.12 4.71 10.67
C ILE A 207 12.00 4.82 11.89
N GLU A 208 11.55 5.52 12.91
CA GLU A 208 12.26 5.59 14.17
C GLU A 208 11.90 4.43 15.10
N GLY A 209 11.06 3.50 14.64
CA GLY A 209 10.64 2.38 15.45
C GLY A 209 9.93 2.75 16.74
N ARG A 210 9.32 3.93 16.80
CA ARG A 210 8.50 4.31 17.94
C ARG A 210 7.11 3.69 17.83
N MET A 211 6.28 3.88 18.84
CA MET A 211 4.94 3.33 18.78
C MET A 211 4.14 4.05 17.69
N HIS A 212 3.24 3.33 17.04
CA HIS A 212 2.47 3.92 15.96
C HIS A 212 1.06 3.33 15.94
N ASP A 213 0.20 3.96 15.16
CA ASP A 213 -1.21 3.59 15.14
C ASP A 213 -1.73 3.86 13.74
N GLU A 214 -3.05 3.90 13.59
CA GLU A 214 -3.63 4.01 12.25
C GLU A 214 -3.24 5.31 11.55
N LYS A 215 -2.71 6.30 12.29
CA LYS A 215 -2.30 7.55 11.65
C LYS A 215 -1.14 7.37 10.69
N VAL A 216 -0.43 6.23 10.75
CA VAL A 216 0.59 6.01 9.74
C VAL A 216 0.00 6.01 8.34
N ASP A 217 -1.21 5.46 8.16
CA ASP A 217 -1.80 5.40 6.82
C ASP A 217 -2.16 6.80 6.31
N LEU A 218 -2.47 7.72 7.22
CA LEU A 218 -2.77 9.10 6.84
C LEU A 218 -1.53 9.79 6.27
N TRP A 219 -0.38 9.59 6.91
CA TRP A 219 0.88 10.08 6.34
C TRP A 219 1.11 9.52 4.94
N SER A 220 1.03 8.19 4.80
CA SER A 220 1.23 7.60 3.47
C SER A 220 0.26 8.18 2.45
N LEU A 221 -0.97 8.46 2.88
CA LEU A 221 -1.92 9.10 1.98
C LEU A 221 -1.41 10.46 1.49
N GLY A 222 -0.77 11.23 2.38
CA GLY A 222 -0.14 12.48 1.95
C GLY A 222 1.02 12.27 0.98
N VAL A 223 1.84 11.24 1.23
CA VAL A 223 2.93 10.94 0.29
C VAL A 223 2.36 10.62 -1.09
N LEU A 224 1.33 9.78 -1.13
CA LEU A 224 0.70 9.43 -2.41
C LEU A 224 0.13 10.64 -3.12
N CYS A 225 -0.58 11.50 -2.38
CA CYS A 225 -1.17 12.67 -3.02
C CYS A 225 -0.10 13.53 -3.69
N TYR A 226 1.01 13.73 -2.98
CA TYR A 226 2.13 14.48 -3.55
C TYR A 226 2.70 13.74 -4.76
N GLU A 227 3.03 12.45 -4.59
CA GLU A 227 3.61 11.70 -5.68
C GLU A 227 2.70 11.68 -6.91
N PHE A 228 1.38 11.55 -6.68
CA PHE A 228 0.44 11.56 -7.81
C PHE A 228 0.52 12.87 -8.58
N LEU A 229 0.61 14.01 -7.87
CA LEU A 229 0.60 15.29 -8.55
C LEU A 229 1.96 15.67 -9.14
N VAL A 230 3.04 15.20 -8.53
CA VAL A 230 4.39 15.63 -8.87
C VAL A 230 5.12 14.58 -9.69
N GLY A 231 4.90 13.30 -9.42
CA GLY A 231 5.56 12.23 -10.15
C GLY A 231 6.66 11.54 -9.36
N LYS A 232 7.03 12.08 -8.20
CA LYS A 232 8.13 11.66 -7.33
C LYS A 232 7.56 11.81 -5.92
N PRO A 233 7.89 10.91 -4.99
CA PRO A 233 7.44 11.11 -3.61
C PRO A 233 8.26 12.21 -2.95
N PRO A 234 7.74 12.85 -1.90
CA PRO A 234 8.31 14.14 -1.50
C PRO A 234 9.67 14.03 -0.83
N PHE A 235 10.04 12.87 -0.29
CA PHE A 235 11.30 12.73 0.44
C PHE A 235 12.34 11.97 -0.36
N GLU A 236 12.09 11.79 -1.64
CA GLU A 236 12.96 10.96 -2.45
C GLU A 236 14.38 11.52 -2.45
N ALA A 237 15.36 10.62 -2.27
CA ALA A 237 16.76 10.99 -2.31
C ALA A 237 17.52 9.77 -2.82
N ASN A 238 18.77 9.98 -3.24
CA ASN A 238 19.47 8.86 -3.85
C ASN A 238 20.07 7.91 -2.83
N THR A 239 20.08 8.25 -1.54
CA THR A 239 20.49 7.29 -0.52
C THR A 239 19.34 7.03 0.44
N TYR A 240 19.33 5.84 1.03
CA TYR A 240 18.35 5.55 2.07
C TYR A 240 18.58 6.43 3.29
N GLN A 241 19.83 6.62 3.67
CA GLN A 241 20.18 7.48 4.79
C GLN A 241 19.60 8.88 4.65
N GLU A 242 19.78 9.52 3.49
CA GLU A 242 19.21 10.87 3.36
C GLU A 242 17.69 10.82 3.37
N THR A 243 17.08 9.85 2.69
CA THR A 243 15.62 9.76 2.70
C THR A 243 15.10 9.64 4.13
N TYR A 244 15.77 8.81 4.92
CA TYR A 244 15.42 8.63 6.32
C TYR A 244 15.45 9.97 7.05
N CYS A 245 16.54 10.73 6.88
CA CYS A 245 16.69 12.01 7.56
C CYS A 245 15.68 13.04 7.07
N ARG A 246 15.42 13.09 5.77
CA ARG A 246 14.40 14.00 5.26
C ARG A 246 13.04 13.70 5.87
N ILE A 247 12.67 12.42 5.97
CA ILE A 247 11.38 12.09 6.56
C ILE A 247 11.33 12.53 8.02
N SER A 248 12.38 12.21 8.77
CA SER A 248 12.31 12.46 10.21
C SER A 248 12.22 13.95 10.52
N ARG A 249 12.62 14.81 9.60
CA ARG A 249 12.59 16.25 9.81
C ARG A 249 11.57 16.93 8.92
N VAL A 250 10.68 16.16 8.28
CA VAL A 250 9.66 16.65 7.36
C VAL A 250 10.29 17.68 6.42
N GLU A 251 11.34 17.28 5.70
CA GLU A 251 12.04 18.16 4.77
C GLU A 251 11.56 17.82 3.35
N PHE A 252 10.63 18.63 2.85
CA PHE A 252 10.16 18.49 1.48
C PHE A 252 9.64 19.84 1.02
N THR A 253 9.62 20.03 -0.29
CA THR A 253 9.15 21.28 -0.88
C THR A 253 8.18 20.98 -2.02
N PHE A 254 7.43 21.99 -2.41
CA PHE A 254 6.40 21.89 -3.44
C PHE A 254 6.87 22.53 -4.73
N PRO A 255 6.76 21.85 -5.87
CA PRO A 255 6.91 22.55 -7.16
C PRO A 255 5.78 23.56 -7.34
N ASP A 256 6.00 24.54 -8.23
CA ASP A 256 5.07 25.66 -8.24
C ASP A 256 3.72 25.33 -8.85
N PHE A 257 3.60 24.25 -9.63
CA PHE A 257 2.31 23.92 -10.22
C PHE A 257 1.35 23.25 -9.24
N VAL A 258 1.81 22.86 -8.05
CA VAL A 258 0.92 22.29 -7.05
C VAL A 258 0.04 23.41 -6.50
N THR A 259 -1.27 23.26 -6.61
CA THR A 259 -2.15 24.37 -6.28
C THR A 259 -2.27 24.54 -4.77
N GLU A 260 -2.82 25.69 -4.39
CA GLU A 260 -2.90 26.02 -2.96
CA GLU A 260 -2.95 26.04 -2.97
C GLU A 260 -3.73 24.99 -2.20
N GLY A 261 -4.83 24.50 -2.77
CA GLY A 261 -5.63 23.50 -2.09
C GLY A 261 -4.90 22.18 -1.92
N ALA A 262 -4.18 21.73 -2.95
CA ALA A 262 -3.42 20.49 -2.83
C ALA A 262 -2.32 20.64 -1.79
N ARG A 263 -1.62 21.78 -1.80
CA ARG A 263 -0.62 22.05 -0.78
C ARG A 263 -1.21 21.97 0.61
N ASP A 264 -2.42 22.54 0.79
CA ASP A 264 -3.05 22.52 2.10
C ASP A 264 -3.27 21.10 2.59
N LEU A 265 -3.89 20.26 1.74
CA LEU A 265 -4.13 18.88 2.11
C LEU A 265 -2.84 18.13 2.41
N ILE A 266 -1.86 18.22 1.51
CA ILE A 266 -0.63 17.44 1.68
C ILE A 266 0.10 17.87 2.94
N SER A 267 0.19 19.19 3.18
CA SER A 267 0.89 19.68 4.37
C SER A 267 0.22 19.21 5.65
N ARG A 268 -1.12 19.15 5.66
CA ARG A 268 -1.82 18.66 6.84
C ARG A 268 -1.59 17.17 7.06
N LEU A 269 -1.45 16.39 5.97
CA LEU A 269 -1.23 14.95 6.10
C LEU A 269 0.21 14.65 6.52
N LEU A 270 1.17 15.44 6.06
CA LEU A 270 2.58 15.18 6.35
C LEU A 270 3.03 15.92 7.58
N LYS A 271 2.31 15.76 8.69
CA LYS A 271 2.70 16.38 9.95
C LYS A 271 3.50 15.38 10.75
N HIS A 272 4.60 15.85 11.35
CA HIS A 272 5.40 14.96 12.17
C HIS A 272 4.56 14.38 13.31
N ASN A 273 3.75 15.21 13.95
CA ASN A 273 2.88 14.77 15.04
C ASN A 273 1.71 13.98 14.48
N PRO A 274 1.63 12.67 14.73
CA PRO A 274 0.52 11.88 14.15
C PRO A 274 -0.84 12.44 14.48
N SER A 275 -1.03 12.97 15.70
CA SER A 275 -2.34 13.47 16.11
C SER A 275 -2.73 14.76 15.41
N GLN A 276 -1.79 15.44 14.76
CA GLN A 276 -2.15 16.62 13.98
C GLN A 276 -2.63 16.28 12.59
N ARG A 277 -2.44 15.04 12.15
CA ARG A 277 -2.91 14.65 10.84
C ARG A 277 -4.44 14.57 10.86
N PRO A 278 -5.10 14.99 9.78
CA PRO A 278 -6.56 15.01 9.78
C PRO A 278 -7.14 13.61 9.84
N MET A 279 -8.39 13.55 10.30
CA MET A 279 -9.16 12.32 10.19
CA MET A 279 -9.14 12.31 10.19
C MET A 279 -9.51 12.06 8.72
N LEU A 280 -9.79 10.80 8.40
CA LEU A 280 -10.11 10.49 7.01
C LEU A 280 -11.39 11.19 6.57
N ARG A 281 -12.36 11.37 7.49
CA ARG A 281 -13.53 12.16 7.16
C ARG A 281 -13.15 13.57 6.69
N GLU A 282 -12.12 14.15 7.32
CA GLU A 282 -11.71 15.50 6.93
C GLU A 282 -11.03 15.52 5.57
N VAL A 283 -10.35 14.44 5.21
CA VAL A 283 -9.83 14.31 3.84
C VAL A 283 -10.99 14.27 2.85
N LEU A 284 -11.96 13.38 3.09
CA LEU A 284 -13.09 13.27 2.17
C LEU A 284 -13.86 14.58 2.04
N GLU A 285 -13.80 15.46 3.04
CA GLU A 285 -14.52 16.74 3.03
C GLU A 285 -13.66 17.93 2.60
N HIS A 286 -12.37 17.73 2.37
CA HIS A 286 -11.46 18.82 2.03
C HIS A 286 -11.94 19.54 0.77
N PRO A 287 -11.94 20.87 0.73
CA PRO A 287 -12.52 21.55 -0.44
C PRO A 287 -11.77 21.26 -1.73
N TRP A 288 -10.46 20.95 -1.65
CA TRP A 288 -9.74 20.56 -2.85
C TRP A 288 -10.22 19.22 -3.35
N ILE A 289 -10.49 18.29 -2.43
CA ILE A 289 -10.96 16.97 -2.81
C ILE A 289 -12.34 17.06 -3.44
N THR A 290 -13.26 17.77 -2.79
CA THR A 290 -14.63 17.80 -3.28
C THR A 290 -14.75 18.60 -4.58
N ALA A 291 -13.86 19.56 -4.80
CA ALA A 291 -13.90 20.33 -6.03
C ALA A 291 -13.30 19.59 -7.23
N ASN A 292 -12.46 18.58 -6.99
CA ASN A 292 -11.75 17.91 -8.07
C ASN A 292 -12.09 16.44 -8.25
N SER A 293 -12.61 15.77 -7.22
CA SER A 293 -12.90 14.35 -7.33
C SER A 293 -14.17 14.12 -8.15
N SER A 294 -14.12 13.10 -9.01
CA SER A 294 -15.35 12.70 -9.69
C SER A 294 -16.16 11.70 -8.88
N LYS A 295 -15.60 11.22 -7.77
CA LYS A 295 -16.18 10.15 -6.96
C LYS A 295 -17.02 10.70 -5.81
N SER B 45 12.24 -12.08 10.73
CA SER B 45 13.68 -12.26 10.84
C SER B 45 14.39 -11.39 9.81
N GLU B 46 13.80 -11.31 8.62
CA GLU B 46 14.29 -10.37 7.61
C GLU B 46 13.70 -8.99 7.89
N PRO B 47 14.53 -7.96 8.01
CA PRO B 47 13.99 -6.61 8.16
C PRO B 47 13.42 -6.13 6.83
N PRO B 48 12.63 -5.05 6.83
CA PRO B 48 12.25 -4.43 5.56
C PRO B 48 13.49 -4.14 4.72
N SER B 49 13.32 -4.22 3.40
CA SER B 49 14.41 -3.98 2.46
C SER B 49 15.19 -2.71 2.80
N TRP B 50 14.49 -1.62 3.12
CA TRP B 50 15.17 -0.35 3.35
C TRP B 50 16.09 -0.39 4.56
N VAL B 51 15.78 -1.23 5.56
CA VAL B 51 16.68 -1.36 6.69
C VAL B 51 18.00 -1.98 6.25
N THR B 52 17.91 -3.05 5.46
CA THR B 52 19.10 -3.71 4.95
C THR B 52 19.94 -2.76 4.10
N GLU B 53 19.29 -2.00 3.22
CA GLU B 53 20.03 -1.08 2.36
C GLU B 53 20.68 0.04 3.15
N MET B 54 19.98 0.57 4.16
CA MET B 54 20.56 1.66 4.92
C MET B 54 21.75 1.17 5.75
N LEU B 55 21.69 -0.09 6.23
CA LEU B 55 22.83 -0.67 6.92
C LEU B 55 24.01 -0.86 5.99
N LEU B 56 23.77 -1.29 4.74
CA LEU B 56 24.84 -1.35 3.76
C LEU B 56 25.50 0.00 3.58
N GLU B 57 24.69 1.06 3.42
CA GLU B 57 25.27 2.38 3.22
C GLU B 57 26.17 2.76 4.40
N LYS B 58 25.72 2.50 5.63
CA LYS B 58 26.53 2.76 6.80
C LYS B 58 27.82 1.94 6.77
N GLU B 59 27.75 0.66 6.39
CA GLU B 59 28.97 -0.15 6.39
C GLU B 59 29.91 0.28 5.27
N LEU B 60 29.34 0.83 4.19
CA LEU B 60 30.11 1.11 2.98
C LEU B 60 30.88 2.42 3.09
N TRP B 61 30.22 3.50 3.57
CA TRP B 61 30.88 4.79 3.64
C TRP B 61 30.65 5.54 4.95
N GLY B 62 30.00 4.92 5.94
CA GLY B 62 29.77 5.56 7.21
C GLY B 62 28.57 6.49 7.24
PB ADP C . 4.14 -8.71 -2.89
O1B ADP C . 3.38 -9.03 -1.64
O2B ADP C . 5.26 -9.68 -3.12
O3B ADP C . 4.51 -7.26 -3.13
PA ADP C . 1.74 -8.29 -4.47
O1A ADP C . 0.47 -8.93 -3.96
O2A ADP C . 1.92 -6.83 -4.22
O3A ADP C . 3.08 -9.08 -4.08
O5' ADP C . 1.71 -8.44 -6.10
C5' ADP C . 2.87 -8.10 -6.83
C4' ADP C . 2.45 -7.48 -8.17
O4' ADP C . 1.61 -8.41 -8.88
C3' ADP C . 1.60 -6.22 -7.99
O3' ADP C . 2.44 -5.06 -7.85
C2' ADP C . 0.88 -6.21 -9.31
O2' ADP C . 1.83 -5.78 -10.31
C1' ADP C . 0.60 -7.67 -9.57
N9 ADP C . -0.69 -8.10 -8.97
C8 ADP C . -0.86 -8.56 -7.72
N7 ADP C . -2.15 -8.88 -7.47
C5 ADP C . -2.82 -8.65 -8.62
C6 ADP C . -4.22 -8.80 -9.05
N6 ADP C . -5.16 -9.27 -8.18
N1 ADP C . -4.52 -8.43 -10.32
C2 ADP C . -3.59 -7.96 -11.17
N3 ADP C . -2.28 -7.82 -10.85
C4 ADP C . -1.85 -8.15 -9.61
MG MG D . 3.36 -8.16 0.19
MG MG E . 3.23 -5.70 -3.09
C1 GOL F . 15.28 4.92 -3.36
O1 GOL F . 15.06 6.29 -3.36
C2 GOL F . 15.24 4.60 -1.91
O2 GOL F . 13.97 4.90 -1.34
C3 GOL F . 16.41 5.48 -1.31
O3 GOL F . 17.36 5.79 -2.32
C1 GOL G . 10.40 17.87 -7.76
O1 GOL G . 10.54 19.24 -7.99
C2 GOL G . 10.13 17.73 -6.26
O2 GOL G . 9.76 16.46 -5.85
C3 GOL G . 11.42 18.20 -5.57
O3 GOL G . 11.01 18.59 -4.30
N1 BCN H . 5.05 -9.20 1.06
C1 BCN H . 6.29 -8.70 0.47
C2 BCN H . 6.14 -7.26 0.05
O21 BCN H . 4.98 -6.80 -0.15
O22 BCN H . 7.18 -6.57 0.02
C3 BCN H . 4.88 -10.63 0.76
C4 BCN H . 3.50 -10.98 1.29
O4 BCN H . 2.52 -10.03 0.82
C5 BCN H . 5.06 -8.97 2.52
C6 BCN H . 4.62 -7.53 2.80
O6 BCN H . 3.36 -7.25 2.13
C1 GOL I . 11.85 -19.55 11.27
O1 GOL I . 11.39 -19.32 9.95
C2 GOL I . 12.56 -18.25 11.75
O2 GOL I . 13.44 -17.74 10.79
C3 GOL I . 11.41 -17.24 12.05
O3 GOL I . 10.34 -17.59 11.21
NA NA J . 9.43 7.07 -8.74
C4 JWG K . 21.38 10.28 8.50
C5 JWG K . 20.72 11.46 7.84
C6 JWG K . 21.59 12.69 7.93
C7 JWG K . 21.20 13.87 7.05
N1 JWG K . 20.60 9.52 9.29
C1 JWG K . 21.69 5.89 9.83
C2 JWG K . 21.52 7.21 9.15
C3 JWG K . 20.99 8.33 10.03
O1 JWG K . 21.29 5.64 10.93
O2 JWG K . 22.57 10.02 8.32
O3 JWG K . 21.00 14.96 7.60
O4 JWG K . 21.10 13.67 5.80
#